data_4UT5
#
_entry.id   4UT5
#
_cell.length_a   52.790
_cell.length_b   70.370
_cell.length_c   54.660
_cell.angle_alpha   90.00
_cell.angle_beta   90.50
_cell.angle_gamma   90.00
#
_symmetry.space_group_name_H-M   'P 1 21 1'
#
loop_
_entity.id
_entity.type
_entity.pdbx_description
1 polymer 'LECB LECTIN'
2 branched beta-D-galactopyranose-(1-3)-[alpha-L-fucopyranose-(1-4)]2-acetamido-2-deoxy-beta-D-glucopyranose-(1-3)-beta-D-galactopyranose
3 branched beta-D-galactopyranose-(1-3)-[alpha-L-fucopyranose-(1-4)]2-acetamido-2-deoxy-beta-D-glucopyranose-(1-3)-alpha-D-galactopyranose
4 branched beta-D-galactopyranose-(1-3)-[alpha-L-fucopyranose-(1-4)]2-acetamido-2-deoxy-beta-D-glucopyranose
5 non-polymer 'CALCIUM ION'
6 non-polymer beta-D-galactopyranose
7 water water
#
_entity_poly.entity_id   1
_entity_poly.type   'polypeptide(L)'
_entity_poly.pdbx_seq_one_letter_code
;ATQGVFTLPANTRFGVTAFANSSATQTVKVLVNNETAATFTGQSTNNAVIGSQVLNSGGGGKVQIQVSVNGRSSDLVSAQ
VILANELNVALVGSEDSTDNDYNDAVVVINWPLG
;
_entity_poly.pdbx_strand_id   A,B,C,D
#
loop_
_chem_comp.id
_chem_comp.type
_chem_comp.name
_chem_comp.formula
CA non-polymer 'CALCIUM ION' 'Ca 2'
FUC L-saccharide, alpha linking alpha-L-fucopyranose 'C6 H12 O5'
GAL D-saccharide, beta linking beta-D-galactopyranose 'C6 H12 O6'
GLA D-saccharide, alpha linking alpha-D-galactopyranose 'C6 H12 O6'
NAG D-saccharide, beta linking 2-acetamido-2-deoxy-beta-D-glucopyranose 'C8 H15 N O6'
#
# COMPACT_ATOMS: atom_id res chain seq x y z
N ALA A 1 3.11 -1.54 17.53
CA ALA A 1 2.40 -2.69 16.94
C ALA A 1 3.38 -3.74 16.45
N THR A 2 3.01 -5.00 16.53
CA THR A 2 3.86 -6.05 15.97
C THR A 2 3.90 -5.80 14.49
N GLN A 3 5.06 -6.00 13.91
CA GLN A 3 5.25 -5.83 12.47
C GLN A 3 5.90 -7.07 11.91
N GLY A 4 5.82 -7.25 10.60
CA GLY A 4 6.40 -8.39 9.96
C GLY A 4 5.65 -9.68 10.08
N VAL A 5 4.38 -9.61 10.44
CA VAL A 5 3.50 -10.77 10.50
C VAL A 5 2.40 -10.68 9.45
N PHE A 6 2.19 -11.77 8.70
CA PHE A 6 1.22 -11.75 7.59
C PHE A 6 0.43 -13.06 7.58
N THR A 7 -0.87 -12.96 7.34
CA THR A 7 -1.70 -14.11 7.11
C THR A 7 -1.87 -14.35 5.61
N LEU A 8 -1.43 -15.51 5.20
CA LEU A 8 -1.57 -15.98 3.81
C LEU A 8 -2.70 -17.01 3.73
N PRO A 9 -3.29 -17.18 2.54
CA PRO A 9 -4.19 -18.32 2.39
C PRO A 9 -3.45 -19.61 2.70
N ALA A 10 -4.20 -20.59 3.23
CA ALA A 10 -3.59 -21.84 3.65
C ALA A 10 -3.02 -22.60 2.47
N ASN A 11 -1.94 -23.32 2.72
CA ASN A 11 -1.31 -24.26 1.79
C ASN A 11 -1.00 -23.66 0.44
N THR A 12 -0.42 -22.49 0.47
CA THR A 12 -0.14 -21.70 -0.71
C THR A 12 1.38 -21.40 -0.80
N ARG A 13 1.94 -21.63 -1.97
CA ARG A 13 3.33 -21.34 -2.21
C ARG A 13 3.49 -19.82 -2.23
N PHE A 14 4.57 -19.34 -1.67
CA PHE A 14 4.87 -17.92 -1.71
C PHE A 14 6.37 -17.73 -1.86
N GLY A 15 6.76 -16.58 -2.39
CA GLY A 15 8.17 -16.22 -2.45
C GLY A 15 8.59 -15.29 -1.38
N VAL A 16 9.82 -15.44 -0.92
CA VAL A 16 10.39 -14.51 0.08
C VAL A 16 11.80 -14.14 -0.36
N THR A 17 12.09 -12.86 -0.41
CA THR A 17 13.33 -12.35 -0.94
C THR A 17 13.82 -11.24 -0.04
N ALA A 18 15.12 -11.19 0.25
CA ALA A 18 15.68 -10.12 1.06
C ALA A 18 16.83 -9.44 0.40
N PHE A 19 16.86 -8.12 0.57
CA PHE A 19 17.90 -7.24 0.04
C PHE A 19 18.60 -6.58 1.20
N ALA A 20 19.89 -6.34 1.09
CA ALA A 20 20.67 -5.68 2.17
C ALA A 20 21.25 -4.32 1.77
N ASN A 21 21.16 -3.39 2.70
CA ASN A 21 21.67 -2.03 2.52
C ASN A 21 22.23 -1.49 3.84
N SER A 22 23.37 -2.03 4.26
CA SER A 22 23.92 -1.71 5.56
C SER A 22 25.36 -2.17 5.63
N SER A 23 26.19 -1.51 6.44
CA SER A 23 27.54 -2.01 6.65
C SER A 23 27.54 -3.27 7.51
N ALA A 24 26.48 -3.51 8.25
CA ALA A 24 26.38 -4.68 9.13
C ALA A 24 25.74 -5.87 8.40
N THR A 25 26.19 -7.04 8.79
CA THR A 25 25.61 -8.29 8.28
C THR A 25 24.21 -8.46 8.83
N GLN A 26 23.28 -8.80 7.91
CA GLN A 26 21.90 -8.96 8.22
C GLN A 26 21.55 -10.44 8.30
N THR A 27 20.74 -10.79 9.27
CA THR A 27 20.18 -12.13 9.42
C THR A 27 18.63 -12.00 9.36
N VAL A 28 18.04 -12.61 8.34
CA VAL A 28 16.59 -12.63 8.17
C VAL A 28 16.05 -14.02 8.43
N LYS A 29 15.19 -14.11 9.42
CA LYS A 29 14.51 -15.35 9.73
CA LYS A 29 14.51 -15.35 9.76
C LYS A 29 13.07 -15.32 9.23
N VAL A 30 12.68 -16.41 8.56
CA VAL A 30 11.33 -16.57 8.11
C VAL A 30 10.67 -17.72 8.88
N LEU A 31 9.64 -17.41 9.65
CA LEU A 31 8.91 -18.37 10.47
C LEU A 31 7.56 -18.65 9.79
N VAL A 32 7.26 -19.91 9.51
CA VAL A 32 5.99 -20.27 8.95
C VAL A 32 5.25 -21.09 10.01
N ASN A 33 4.09 -20.61 10.41
CA ASN A 33 3.32 -21.18 11.51
C ASN A 33 4.25 -21.47 12.72
N ASN A 34 4.98 -20.43 13.10
CA ASN A 34 5.77 -20.41 14.32
C ASN A 34 6.96 -21.32 14.31
N GLU A 35 7.31 -21.90 13.16
CA GLU A 35 8.54 -22.69 13.00
C GLU A 35 9.48 -22.07 11.96
N THR A 36 10.77 -22.09 12.23
CA THR A 36 11.73 -21.49 11.28
C THR A 36 11.79 -22.27 9.97
N ALA A 37 11.52 -21.59 8.87
CA ALA A 37 11.46 -22.22 7.57
C ALA A 37 12.63 -21.86 6.68
N ALA A 38 13.28 -20.73 6.99
CA ALA A 38 14.44 -20.27 6.26
C ALA A 38 15.17 -19.21 7.07
N THR A 39 16.46 -19.09 6.81
CA THR A 39 17.28 -18.02 7.33
C THR A 39 18.24 -17.52 6.25
N PHE A 40 18.19 -16.22 5.92
CA PHE A 40 19.12 -15.62 4.97
C PHE A 40 20.14 -14.79 5.75
N THR A 41 21.41 -14.86 5.36
CA THR A 41 22.46 -14.05 5.98
C THR A 41 23.27 -13.42 4.89
N GLY A 42 23.60 -12.12 5.03
CA GLY A 42 24.43 -11.48 4.01
C GLY A 42 24.76 -10.04 4.38
N GLN A 43 25.71 -9.45 3.65
CA GLN A 43 26.09 -8.06 3.84
C GLN A 43 26.26 -7.39 2.49
N SER A 44 25.59 -6.25 2.32
CA SER A 44 25.71 -5.43 1.11
C SER A 44 25.29 -4.02 1.50
N THR A 45 25.92 -3.03 0.88
CA THR A 45 25.41 -1.67 0.88
C THR A 45 24.83 -1.30 -0.48
N ASN A 46 24.69 -2.27 -1.38
CA ASN A 46 24.23 -2.02 -2.75
C ASN A 46 23.03 -2.86 -3.13
N ASN A 47 22.16 -3.13 -2.13
CA ASN A 47 20.86 -3.78 -2.41
C ASN A 47 21.01 -5.18 -2.96
N ALA A 48 22.10 -5.87 -2.62
CA ALA A 48 22.21 -7.24 -3.12
C ALA A 48 21.13 -8.12 -2.52
N VAL A 49 20.70 -9.10 -3.32
CA VAL A 49 19.81 -10.15 -2.87
C VAL A 49 20.59 -11.12 -1.96
N ILE A 50 20.18 -11.22 -0.72
CA ILE A 50 20.89 -12.10 0.23
C ILE A 50 20.17 -13.42 0.41
N GLY A 51 18.98 -13.52 -0.16
CA GLY A 51 18.27 -14.78 -0.19
C GLY A 51 16.98 -14.64 -0.95
N SER A 52 16.58 -15.72 -1.62
CA SER A 52 15.29 -15.69 -2.34
C SER A 52 14.86 -17.13 -2.48
N GLN A 53 13.71 -17.48 -1.92
CA GLN A 53 13.29 -18.85 -1.85
C GLN A 53 11.78 -18.95 -1.94
N VAL A 54 11.31 -20.15 -2.27
CA VAL A 54 9.89 -20.46 -2.33
C VAL A 54 9.53 -21.35 -1.13
N LEU A 55 8.49 -20.99 -0.41
CA LEU A 55 8.03 -21.68 0.79
C LEU A 55 6.53 -21.94 0.65
N ASN A 56 5.96 -22.73 1.58
CA ASN A 56 4.55 -23.04 1.58
C ASN A 56 3.94 -22.53 2.87
N SER A 57 2.79 -21.83 2.79
CA SER A 57 2.20 -21.19 3.95
C SER A 57 1.63 -22.20 4.96
N GLY A 58 1.51 -23.47 4.55
CA GLY A 58 1.03 -24.50 5.46
C GLY A 58 -0.41 -24.32 5.93
N GLY A 59 -0.79 -25.10 6.93
CA GLY A 59 -2.21 -25.11 7.29
C GLY A 59 -2.69 -23.83 7.91
N GLY A 60 -1.81 -23.17 8.69
CA GLY A 60 -2.19 -22.00 9.40
C GLY A 60 -2.10 -20.72 8.60
N GLY A 61 -1.27 -20.73 7.58
CA GLY A 61 -1.07 -19.52 6.77
C GLY A 61 -0.23 -18.41 7.39
N LYS A 62 0.37 -18.63 8.55
CA LYS A 62 1.07 -17.53 9.29
C LYS A 62 2.54 -17.44 8.84
N VAL A 63 2.94 -16.26 8.38
CA VAL A 63 4.31 -15.99 7.99
C VAL A 63 4.84 -14.81 8.79
N GLN A 64 5.96 -15.00 9.45
CA GLN A 64 6.58 -13.95 10.25
C GLN A 64 8.02 -13.76 9.83
N ILE A 65 8.42 -12.49 9.69
CA ILE A 65 9.80 -12.13 9.36
C ILE A 65 10.43 -11.47 10.58
N GLN A 66 11.62 -11.91 10.94
CA GLN A 66 12.44 -11.30 11.96
C GLN A 66 13.76 -10.97 11.37
N VAL A 67 14.29 -9.79 11.70
CA VAL A 67 15.58 -9.40 11.25
C VAL A 67 16.48 -9.07 12.47
N SER A 68 17.70 -9.56 12.43
CA SER A 68 18.66 -9.23 13.48
C SER A 68 20.04 -8.99 12.90
N VAL A 69 20.87 -8.31 13.69
CA VAL A 69 22.23 -7.99 13.28
C VAL A 69 23.11 -8.34 14.49
N ASN A 70 23.96 -9.35 14.32
CA ASN A 70 24.80 -9.87 15.44
C ASN A 70 23.95 -10.06 16.67
N GLY A 71 22.84 -10.79 16.49
CA GLY A 71 21.99 -11.16 17.61
C GLY A 71 20.98 -10.15 18.13
N ARG A 72 21.06 -8.90 17.65
CA ARG A 72 20.20 -7.85 18.10
C ARG A 72 19.04 -7.61 17.13
N SER A 73 17.82 -7.69 17.61
CA SER A 73 16.63 -7.49 16.75
C SER A 73 16.56 -6.08 16.15
N SER A 74 16.44 -5.98 14.84
CA SER A 74 16.20 -4.69 14.19
C SER A 74 14.74 -4.26 14.36
N ASP A 75 14.51 -2.98 14.28
CA ASP A 75 13.16 -2.46 14.34
C ASP A 75 12.50 -2.60 13.01
N LEU A 76 11.28 -3.09 13.02
CA LEU A 76 10.60 -3.42 11.76
C LEU A 76 9.45 -2.51 11.45
N VAL A 77 9.20 -2.33 10.15
N VAL A 77 9.20 -2.36 10.15
CA VAL A 77 7.95 -1.78 9.65
CA VAL A 77 7.99 -1.76 9.66
C VAL A 77 7.46 -2.64 8.52
C VAL A 77 7.46 -2.61 8.51
N SER A 78 6.15 -2.70 8.36
CA SER A 78 5.61 -3.60 7.34
C SER A 78 4.24 -3.20 6.90
N ALA A 79 3.84 -3.73 5.73
CA ALA A 79 2.49 -3.59 5.19
C ALA A 79 2.27 -4.64 4.13
N GLN A 80 1.00 -4.89 3.79
CA GLN A 80 0.62 -5.76 2.67
C GLN A 80 -0.22 -4.96 1.69
N VAL A 81 0.07 -5.12 0.40
N VAL A 81 0.08 -5.14 0.40
CA VAL A 81 -0.76 -4.52 -0.64
CA VAL A 81 -0.67 -4.51 -0.69
C VAL A 81 -1.28 -5.61 -1.56
C VAL A 81 -1.26 -5.62 -1.57
N ILE A 82 -2.48 -5.41 -2.06
CA ILE A 82 -3.08 -6.30 -3.04
C ILE A 82 -3.39 -5.46 -4.29
N LEU A 83 -2.91 -5.92 -5.44
CA LEU A 83 -3.15 -5.26 -6.74
C LEU A 83 -3.97 -6.15 -7.63
N ALA A 84 -4.79 -5.52 -8.43
CA ALA A 84 -5.72 -6.24 -9.36
C ALA A 84 -6.59 -7.25 -8.60
N ASN A 85 -6.81 -7.01 -7.30
CA ASN A 85 -7.51 -7.91 -6.44
C ASN A 85 -6.97 -9.34 -6.42
N GLU A 86 -5.69 -9.51 -6.74
CA GLU A 86 -5.14 -10.84 -6.80
C GLU A 86 -3.65 -10.99 -6.45
N LEU A 87 -2.86 -10.01 -6.86
CA LEU A 87 -1.40 -10.02 -6.59
C LEU A 87 -1.15 -9.47 -5.21
N ASN A 88 -0.57 -10.28 -4.33
CA ASN A 88 -0.29 -9.91 -2.96
C ASN A 88 1.21 -9.71 -2.77
N VAL A 89 1.56 -8.56 -2.23
CA VAL A 89 2.94 -8.28 -1.86
C VAL A 89 2.99 -7.78 -0.42
N ALA A 90 3.67 -8.52 0.45
CA ALA A 90 3.93 -8.09 1.80
C ALA A 90 5.36 -7.59 1.91
N LEU A 91 5.54 -6.49 2.61
CA LEU A 91 6.81 -5.79 2.59
C LEU A 91 7.29 -5.57 4.04
N VAL A 92 8.58 -5.75 4.27
CA VAL A 92 9.18 -5.47 5.57
C VAL A 92 10.39 -4.61 5.36
N GLY A 93 10.46 -3.48 6.09
CA GLY A 93 11.66 -2.70 6.18
C GLY A 93 12.22 -2.87 7.57
N SER A 94 13.52 -2.65 7.69
CA SER A 94 14.18 -2.83 9.00
C SER A 94 15.32 -1.89 9.21
N GLU A 95 15.48 -1.50 10.48
CA GLU A 95 16.48 -0.50 10.87
C GLU A 95 17.38 -1.09 11.98
N ASP A 96 18.65 -1.14 11.69
CA ASP A 96 19.64 -1.71 12.60
C ASP A 96 20.45 -0.64 13.34
N SER A 97 20.12 0.62 13.12
CA SER A 97 20.90 1.74 13.69
C SER A 97 20.02 2.96 13.94
N THR A 98 20.57 4.13 13.66
CA THR A 98 19.94 5.38 14.06
C THR A 98 19.47 6.25 12.91
N ASP A 99 19.90 5.96 11.69
CA ASP A 99 19.55 6.82 10.55
C ASP A 99 18.11 6.68 10.03
N ASN A 100 17.43 5.64 10.47
CA ASN A 100 16.05 5.43 10.10
C ASN A 100 15.74 5.43 8.60
N ASP A 101 16.66 4.87 7.81
CA ASP A 101 16.32 4.62 6.39
C ASP A 101 15.46 3.37 6.22
N TYR A 102 15.43 2.49 7.22
CA TYR A 102 14.59 1.28 7.21
C TYR A 102 14.86 0.36 6.02
N ASN A 103 16.03 0.46 5.43
CA ASN A 103 16.37 -0.34 4.29
C ASN A 103 17.44 -1.38 4.55
N ASP A 104 17.84 -1.49 5.83
CA ASP A 104 19.03 -2.22 6.14
C ASP A 104 18.92 -3.69 5.71
N ALA A 105 17.78 -4.25 5.99
CA ALA A 105 17.27 -5.41 5.25
C ALA A 105 15.85 -5.07 4.82
N VAL A 106 15.56 -5.33 3.53
CA VAL A 106 14.25 -5.13 2.96
C VAL A 106 13.76 -6.53 2.48
N VAL A 107 12.59 -6.92 2.92
CA VAL A 107 12.06 -8.27 2.63
C VAL A 107 10.75 -8.15 1.88
N VAL A 108 10.64 -8.90 0.79
CA VAL A 108 9.48 -8.91 -0.09
C VAL A 108 8.92 -10.30 -0.09
N ILE A 109 7.65 -10.44 0.26
CA ILE A 109 6.95 -11.75 0.21
C ILE A 109 5.85 -11.56 -0.85
N ASN A 110 5.77 -12.47 -1.79
CA ASN A 110 4.75 -12.34 -2.84
C ASN A 110 4.02 -13.65 -3.09
N TRP A 111 2.75 -13.52 -3.41
CA TRP A 111 1.93 -14.67 -3.85
C TRP A 111 0.75 -14.16 -4.64
N PRO A 112 0.10 -15.02 -5.43
CA PRO A 112 0.46 -16.39 -5.71
C PRO A 112 1.63 -16.49 -6.66
N LEU A 113 2.20 -17.69 -6.73
CA LEU A 113 3.28 -17.99 -7.66
C LEU A 113 2.72 -18.80 -8.81
N GLY A 114 3.58 -19.08 -9.78
CA GLY A 114 3.25 -19.97 -10.88
C GLY A 114 2.53 -19.40 -12.05
N ALA B 1 -6.07 3.66 -16.49
CA ALA B 1 -4.97 4.55 -16.08
C ALA B 1 -3.62 3.98 -16.58
N THR B 2 -2.66 4.88 -16.83
CA THR B 2 -1.27 4.49 -17.05
C THR B 2 -0.78 3.84 -15.76
N GLN B 3 -0.05 2.75 -15.93
CA GLN B 3 0.51 2.01 -14.80
C GLN B 3 1.99 1.80 -15.04
N GLY B 4 2.74 1.56 -14.00
CA GLY B 4 4.18 1.27 -14.12
C GLY B 4 5.05 2.47 -14.29
N VAL B 5 4.52 3.67 -13.99
CA VAL B 5 5.29 4.92 -14.05
C VAL B 5 5.42 5.51 -12.65
N PHE B 6 6.64 5.89 -12.27
CA PHE B 6 6.89 6.36 -10.93
C PHE B 6 7.83 7.53 -10.98
N THR B 7 7.54 8.56 -10.20
CA THR B 7 8.46 9.68 -9.99
C THR B 7 9.31 9.46 -8.76
N LEU B 8 10.62 9.38 -8.98
CA LEU B 8 11.61 9.27 -7.93
C LEU B 8 12.26 10.62 -7.70
N PRO B 9 12.88 10.81 -6.53
CA PRO B 9 13.72 12.01 -6.39
C PRO B 9 14.84 11.96 -7.43
N ALA B 10 15.27 13.14 -7.87
CA ALA B 10 16.27 13.24 -8.91
C ALA B 10 17.60 12.68 -8.43
N ASN B 11 18.34 12.11 -9.37
CA ASN B 11 19.73 11.66 -9.15
C ASN B 11 19.91 10.72 -7.97
N THR B 12 19.00 9.76 -7.87
CA THR B 12 18.93 8.86 -6.71
C THR B 12 19.09 7.45 -7.20
N ARG B 13 19.98 6.72 -6.56
CA ARG B 13 20.15 5.31 -6.82
C ARG B 13 18.94 4.53 -6.33
N PHE B 14 18.50 3.57 -7.13
CA PHE B 14 17.35 2.75 -6.75
C PHE B 14 17.57 1.34 -7.23
N GLY B 15 16.97 0.38 -6.52
CA GLY B 15 17.04 -0.98 -6.94
C GLY B 15 15.84 -1.36 -7.81
N VAL B 16 16.06 -2.20 -8.81
CA VAL B 16 14.98 -2.77 -9.59
C VAL B 16 15.22 -4.26 -9.72
N THR B 17 14.21 -5.06 -9.38
CA THR B 17 14.31 -6.51 -9.36
C THR B 17 13.04 -7.11 -9.96
N ALA B 18 13.18 -8.15 -10.76
CA ALA B 18 12.02 -8.79 -11.33
C ALA B 18 12.00 -10.29 -11.06
N PHE B 19 10.82 -10.80 -10.80
CA PHE B 19 10.52 -12.21 -10.62
C PHE B 19 9.60 -12.70 -11.70
N ALA B 20 9.75 -13.95 -12.11
CA ALA B 20 8.88 -14.54 -13.16
C ALA B 20 8.02 -15.68 -12.65
N ASN B 21 6.77 -15.71 -13.12
CA ASN B 21 5.84 -16.78 -12.81
C ASN B 21 4.92 -17.02 -14.02
N SER B 22 5.46 -17.65 -15.06
CA SER B 22 4.72 -17.85 -16.30
C SER B 22 5.46 -18.87 -17.15
N SER B 23 4.72 -19.60 -17.99
CA SER B 23 5.43 -20.47 -18.92
C SER B 23 6.17 -19.68 -20.02
N ALA B 24 5.80 -18.43 -20.23
CA ALA B 24 6.38 -17.61 -21.27
C ALA B 24 7.57 -16.82 -20.77
N THR B 25 8.54 -16.63 -21.65
CA THR B 25 9.70 -15.85 -21.36
C THR B 25 9.28 -14.40 -21.22
N GLN B 26 9.72 -13.80 -20.12
CA GLN B 26 9.35 -12.40 -19.79
C GLN B 26 10.49 -11.45 -20.14
N THR B 27 10.16 -10.32 -20.73
CA THR B 27 11.08 -9.25 -21.03
C THR B 27 10.63 -8.00 -20.24
N VAL B 28 11.46 -7.54 -19.33
CA VAL B 28 11.15 -6.37 -18.50
C VAL B 28 12.06 -5.23 -18.88
N LYS B 29 11.50 -4.13 -19.37
CA LYS B 29 12.28 -2.97 -19.75
C LYS B 29 12.12 -1.87 -18.71
N VAL B 30 13.24 -1.33 -18.29
CA VAL B 30 13.25 -0.25 -17.33
C VAL B 30 13.71 1.00 -18.06
N LEU B 31 12.82 2.00 -18.16
CA LEU B 31 13.09 3.25 -18.81
C LEU B 31 13.33 4.29 -17.77
N VAL B 32 14.47 4.96 -17.84
CA VAL B 32 14.74 6.04 -16.98
C VAL B 32 14.78 7.30 -17.83
N ASN B 33 13.91 8.25 -17.49
CA ASN B 33 13.70 9.44 -18.32
C ASN B 33 13.61 9.14 -19.82
N ASN B 34 12.74 8.19 -20.09
CA ASN B 34 12.29 7.79 -21.43
C ASN B 34 13.34 7.04 -22.27
N GLU B 35 14.47 6.69 -21.67
CA GLU B 35 15.48 5.88 -22.35
C GLU B 35 15.73 4.56 -21.61
N THR B 36 15.88 3.48 -22.37
CA THR B 36 16.04 2.15 -21.74
C THR B 36 17.34 2.11 -20.93
N ALA B 37 17.24 1.83 -19.64
CA ALA B 37 18.38 1.77 -18.73
C ALA B 37 18.72 0.34 -18.35
N ALA B 38 17.75 -0.57 -18.46
CA ALA B 38 18.00 -1.98 -18.24
C ALA B 38 16.91 -2.80 -18.84
N THR B 39 17.27 -4.01 -19.19
CA THR B 39 16.31 -4.98 -19.71
C THR B 39 16.63 -6.33 -19.02
N PHE B 40 15.63 -6.94 -18.44
CA PHE B 40 15.76 -8.28 -17.90
C PHE B 40 15.01 -9.24 -18.79
N THR B 41 15.56 -10.41 -19.01
CA THR B 41 14.86 -11.47 -19.73
C THR B 41 15.00 -12.76 -18.96
N GLY B 42 13.92 -13.52 -18.81
CA GLY B 42 14.04 -14.80 -18.14
C GLY B 42 12.71 -15.53 -18.10
N GLN B 43 12.75 -16.81 -17.72
CA GLN B 43 11.57 -17.65 -17.62
C GLN B 43 11.61 -18.43 -16.31
N SER B 44 10.49 -18.44 -15.62
CA SER B 44 10.31 -19.26 -14.42
C SER B 44 8.83 -19.37 -14.15
N THR B 45 8.40 -20.53 -13.66
CA THR B 45 7.11 -20.64 -13.00
C THR B 45 7.25 -20.76 -11.49
N ASN B 46 8.46 -20.51 -10.96
CA ASN B 46 8.75 -20.62 -9.53
C ASN B 46 9.34 -19.36 -8.94
N ASN B 47 8.93 -18.21 -9.45
CA ASN B 47 9.34 -16.93 -8.86
C ASN B 47 10.86 -16.68 -8.87
N ALA B 48 11.58 -17.26 -9.83
CA ALA B 48 13.00 -16.97 -9.95
C ALA B 48 13.24 -15.49 -10.26
N VAL B 49 14.35 -14.99 -9.72
CA VAL B 49 14.82 -13.66 -10.03
C VAL B 49 15.36 -13.67 -11.45
N ILE B 50 14.77 -12.86 -12.34
CA ILE B 50 15.26 -12.75 -13.72
C ILE B 50 16.09 -11.51 -13.95
N GLY B 51 16.20 -10.66 -12.94
CA GLY B 51 17.17 -9.56 -12.99
C GLY B 51 17.11 -8.78 -11.72
N SER B 52 18.23 -8.17 -11.35
CA SER B 52 18.28 -7.28 -10.20
C SER B 52 19.48 -6.36 -10.42
N GLN B 53 19.25 -5.06 -10.40
CA GLN B 53 20.28 -4.08 -10.75
C GLN B 53 20.06 -2.82 -9.98
N VAL B 54 21.11 -2.03 -9.84
CA VAL B 54 21.01 -0.69 -9.28
C VAL B 54 21.10 0.31 -10.43
N LEU B 55 20.17 1.27 -10.47
CA LEU B 55 20.14 2.33 -11.46
C LEU B 55 20.07 3.67 -10.80
N ASN B 56 20.21 4.73 -11.60
CA ASN B 56 20.15 6.07 -11.12
C ASN B 56 19.00 6.80 -11.78
N SER B 57 18.16 7.46 -10.98
CA SER B 57 16.93 8.10 -11.51
C SER B 57 17.22 9.31 -12.45
N GLY B 58 18.45 9.77 -12.43
CA GLY B 58 18.88 10.89 -13.29
C GLY B 58 18.21 12.21 -13.01
N GLY B 59 18.37 13.15 -13.94
CA GLY B 59 17.88 14.51 -13.64
C GLY B 59 16.38 14.62 -13.54
N GLY B 60 15.68 13.82 -14.33
CA GLY B 60 14.23 13.90 -14.42
C GLY B 60 13.48 13.08 -13.38
N GLY B 61 14.11 12.08 -12.82
CA GLY B 61 13.46 11.22 -11.81
C GLY B 61 12.44 10.22 -12.30
N LYS B 62 12.22 10.11 -13.63
CA LYS B 62 11.10 9.32 -14.15
C LYS B 62 11.52 7.90 -14.43
N VAL B 63 10.82 6.98 -13.78
CA VAL B 63 11.06 5.54 -13.99
C VAL B 63 9.82 4.85 -14.50
N GLN B 64 9.95 4.17 -15.62
CA GLN B 64 8.83 3.46 -16.24
C GLN B 64 9.18 2.01 -16.50
N ILE B 65 8.28 1.11 -16.12
CA ILE B 65 8.48 -0.31 -16.33
C ILE B 65 7.55 -0.74 -17.44
N GLN B 66 8.05 -1.51 -18.40
CA GLN B 66 7.24 -2.12 -19.42
C GLN B 66 7.56 -3.60 -19.46
N VAL B 67 6.56 -4.42 -19.61
CA VAL B 67 6.77 -5.87 -19.64
C VAL B 67 6.16 -6.41 -20.93
N SER B 68 6.91 -7.28 -21.62
CA SER B 68 6.43 -7.90 -22.84
C SER B 68 6.83 -9.34 -22.95
N VAL B 69 6.11 -10.06 -23.77
CA VAL B 69 6.40 -11.47 -23.99
C VAL B 69 6.48 -11.57 -25.53
N ASN B 70 7.68 -11.80 -26.06
CA ASN B 70 7.90 -11.86 -27.51
C ASN B 70 7.25 -10.70 -28.27
N GLY B 71 7.54 -9.50 -27.82
CA GLY B 71 7.07 -8.28 -28.44
C GLY B 71 5.68 -7.80 -28.09
N ARG B 72 4.89 -8.61 -27.38
CA ARG B 72 3.53 -8.25 -27.04
C ARG B 72 3.46 -7.68 -25.60
N SER B 73 2.98 -6.45 -25.43
CA SER B 73 2.91 -5.82 -24.14
C SER B 73 1.96 -6.55 -23.20
N SER B 74 2.44 -6.86 -22.00
CA SER B 74 1.55 -7.36 -20.95
C SER B 74 0.77 -6.20 -20.32
N ASP B 75 -0.37 -6.52 -19.73
CA ASP B 75 -1.15 -5.51 -19.04
C ASP B 75 -0.59 -5.34 -17.65
N LEU B 76 -0.49 -4.11 -17.20
CA LEU B 76 0.22 -3.81 -15.95
C LEU B 76 -0.69 -3.27 -14.86
N VAL B 77 -0.32 -3.56 -13.62
N VAL B 77 -0.33 -3.56 -13.62
CA VAL B 77 -0.92 -2.93 -12.44
CA VAL B 77 -0.93 -2.90 -12.43
C VAL B 77 0.21 -2.48 -11.54
C VAL B 77 0.21 -2.47 -11.54
N SER B 78 0.03 -1.39 -10.82
CA SER B 78 1.10 -0.86 -10.02
C SER B 78 0.65 0.03 -8.92
N ALA B 79 1.56 0.22 -7.93
CA ALA B 79 1.36 1.15 -6.85
C ALA B 79 2.69 1.42 -6.17
N GLN B 80 2.77 2.52 -5.41
CA GLN B 80 3.94 2.82 -4.60
C GLN B 80 3.50 2.92 -3.13
N VAL B 81 4.32 2.31 -2.26
CA VAL B 81 4.14 2.33 -0.81
CA VAL B 81 4.10 2.40 -0.83
C VAL B 81 5.33 3.00 -0.14
N ILE B 82 5.05 3.81 0.87
CA ILE B 82 6.07 4.41 1.70
C ILE B 82 5.85 3.97 3.15
N LEU B 83 6.87 3.36 3.73
CA LEU B 83 6.89 2.89 5.08
C LEU B 83 7.84 3.71 5.93
N ALA B 84 7.48 3.89 7.20
CA ALA B 84 8.29 4.74 8.16
C ALA B 84 8.54 6.12 7.56
N ASN B 85 7.66 6.60 6.66
CA ASN B 85 7.82 7.88 6.01
C ASN B 85 9.16 8.05 5.27
N GLU B 86 9.78 6.94 4.85
CA GLU B 86 11.11 7.02 4.25
C GLU B 86 11.48 5.89 3.29
N LEU B 87 11.05 4.68 3.60
CA LEU B 87 11.31 3.52 2.73
C LEU B 87 10.28 3.46 1.63
N ASN B 88 10.73 3.56 0.38
CA ASN B 88 9.87 3.57 -0.77
C ASN B 88 10.00 2.27 -1.54
N VAL B 89 8.85 1.68 -1.80
CA VAL B 89 8.77 0.49 -2.64
C VAL B 89 7.69 0.71 -3.70
N ALA B 90 8.10 0.71 -4.96
CA ALA B 90 7.15 0.71 -6.08
C ALA B 90 7.01 -0.70 -6.64
N LEU B 91 5.79 -1.09 -7.00
CA LEU B 91 5.49 -2.45 -7.37
C LEU B 91 4.75 -2.48 -8.70
N VAL B 92 5.09 -3.45 -9.54
CA VAL B 92 4.42 -3.67 -10.81
C VAL B 92 4.06 -5.16 -10.93
N GLY B 93 2.81 -5.46 -11.18
CA GLY B 93 2.37 -6.79 -11.58
C GLY B 93 2.04 -6.75 -13.06
N SER B 94 2.10 -7.89 -13.70
CA SER B 94 1.82 -7.94 -15.13
C SER B 94 1.18 -9.26 -15.50
N GLU B 95 0.37 -9.16 -16.53
CA GLU B 95 -0.42 -10.29 -17.01
C GLU B 95 -0.18 -10.45 -18.51
N ASP B 96 0.29 -11.63 -18.86
CA ASP B 96 0.62 -11.95 -20.23
C ASP B 96 -0.44 -12.77 -20.96
N SER B 97 -1.49 -13.11 -20.25
CA SER B 97 -2.51 -14.04 -20.80
C SER B 97 -3.92 -13.70 -20.27
N THR B 98 -4.69 -14.73 -19.96
CA THR B 98 -6.08 -14.57 -19.62
C THR B 98 -6.43 -14.90 -18.17
N ASP B 99 -5.51 -15.48 -17.36
CA ASP B 99 -5.89 -15.91 -16.00
C ASP B 99 -5.89 -14.83 -14.96
N ASN B 100 -5.32 -13.72 -15.29
CA ASN B 100 -5.33 -12.54 -14.39
C ASN B 100 -4.75 -12.77 -12.97
N ASP B 101 -3.70 -13.57 -12.91
CA ASP B 101 -2.91 -13.65 -11.65
C ASP B 101 -1.98 -12.44 -11.47
N TYR B 102 -1.68 -11.74 -12.58
CA TYR B 102 -0.83 -10.52 -12.53
C TYR B 102 0.53 -10.81 -11.89
N ASN B 103 0.98 -12.06 -11.92
CA ASN B 103 2.28 -12.39 -11.35
C ASN B 103 3.31 -12.79 -12.41
N ASP B 104 2.99 -12.62 -13.69
CA ASP B 104 3.78 -13.28 -14.74
C ASP B 104 5.20 -12.72 -14.73
N ALA B 105 5.26 -11.40 -14.62
CA ALA B 105 6.46 -10.71 -14.11
C ALA B 105 6.04 -9.77 -13.01
N VAL B 106 6.74 -9.86 -11.89
CA VAL B 106 6.50 -8.96 -10.76
C VAL B 106 7.78 -8.13 -10.61
N VAL B 107 7.66 -6.81 -10.55
CA VAL B 107 8.81 -5.93 -10.48
C VAL B 107 8.74 -5.13 -9.23
N VAL B 108 9.88 -5.07 -8.52
CA VAL B 108 10.02 -4.31 -7.28
C VAL B 108 11.09 -3.28 -7.46
N ILE B 109 10.75 -2.03 -7.18
CA ILE B 109 11.67 -0.92 -7.23
C ILE B 109 11.78 -0.38 -5.81
N ASN B 110 12.98 -0.22 -5.30
CA ASN B 110 13.11 0.28 -3.95
C ASN B 110 14.19 1.35 -3.80
N TRP B 111 13.90 2.29 -2.89
CA TRP B 111 14.88 3.34 -2.54
C TRP B 111 14.51 3.91 -1.19
N PRO B 112 15.43 4.60 -0.50
CA PRO B 112 16.83 4.77 -0.88
C PRO B 112 17.64 3.49 -0.66
N LEU B 113 18.82 3.44 -1.28
CA LEU B 113 19.75 2.35 -1.10
C LEU B 113 20.81 2.75 -0.13
N GLY B 114 21.67 1.79 0.23
CA GLY B 114 22.87 2.10 1.03
C GLY B 114 22.74 2.13 2.53
N ALA C 1 9.15 1.61 15.14
CA ALA C 1 9.29 2.84 14.35
C ALA C 1 8.20 3.84 14.74
N THR C 2 8.49 5.11 14.61
CA THR C 2 7.48 6.14 14.75
C THR C 2 6.45 5.87 13.67
N GLN C 3 5.19 6.08 14.01
CA GLN C 3 4.11 5.90 13.07
C GLN C 3 3.23 7.12 13.08
N GLY C 4 2.48 7.35 12.03
CA GLY C 4 1.56 8.50 11.96
C GLY C 4 2.19 9.82 11.58
N VAL C 5 3.41 9.79 11.01
CA VAL C 5 4.10 10.98 10.56
C VAL C 5 4.29 10.91 9.07
N PHE C 6 3.92 11.97 8.37
CA PHE C 6 3.97 11.97 6.91
C PHE C 6 4.56 13.30 6.48
N THR C 7 5.42 13.25 5.47
CA THR C 7 5.92 14.44 4.81
C THR C 7 5.15 14.73 3.55
N LEU C 8 4.50 15.88 3.52
CA LEU C 8 3.72 16.33 2.35
C LEU C 8 4.54 17.39 1.64
N PRO C 9 4.25 17.62 0.34
CA PRO C 9 4.82 18.78 -0.31
C PRO C 9 4.39 20.06 0.44
N ALA C 10 5.30 21.02 0.52
CA ALA C 10 5.02 22.26 1.17
C ALA C 10 3.78 22.97 0.58
N ASN C 11 3.08 23.66 1.47
CA ASN C 11 1.94 24.57 1.13
C ASN C 11 0.89 23.93 0.29
N THR C 12 0.52 22.72 0.66
CA THR C 12 -0.37 21.90 -0.15
C THR C 12 -1.58 21.56 0.69
N ARG C 13 -2.74 21.75 0.08
CA ARG C 13 -4.01 21.43 0.78
C ARG C 13 -4.15 19.90 0.83
N PHE C 14 -4.66 19.39 1.94
CA PHE C 14 -4.90 17.96 2.07
C PHE C 14 -6.14 17.75 2.92
N GLY C 15 -6.79 16.60 2.69
CA GLY C 15 -7.91 16.20 3.52
C GLY C 15 -7.51 15.28 4.61
N VAL C 16 -8.18 15.41 5.76
CA VAL C 16 -7.98 14.49 6.86
C VAL C 16 -9.35 14.11 7.40
N THR C 17 -9.58 12.79 7.53
CA THR C 17 -10.88 12.25 7.96
C THR C 17 -10.64 11.17 8.97
N ALA C 18 -11.42 11.14 10.05
CA ALA C 18 -11.30 10.10 11.03
C ALA C 18 -12.61 9.39 11.28
N PHE C 19 -12.51 8.07 11.48
CA PHE C 19 -13.60 7.18 11.74
C PHE C 19 -13.35 6.53 13.09
N ALA C 20 -14.42 6.26 13.84
CA ALA C 20 -14.32 5.57 15.10
C ALA C 20 -14.99 4.19 15.15
N ASN C 21 -14.32 3.25 15.80
CA ASN C 21 -14.83 1.86 16.02
C ASN C 21 -14.39 1.30 17.35
N SER C 22 -15.00 1.79 18.44
CA SER C 22 -14.53 1.45 19.78
C SER C 22 -15.60 1.88 20.76
N SER C 23 -15.67 1.22 21.91
CA SER C 23 -16.59 1.69 22.93
C SER C 23 -16.06 2.97 23.59
N ALA C 24 -14.77 3.26 23.43
CA ALA C 24 -14.11 4.40 24.08
C ALA C 24 -14.08 5.62 23.19
N THR C 25 -14.21 6.79 23.79
CA THR C 25 -14.16 8.05 23.04
C THR C 25 -12.75 8.24 22.54
N GLN C 26 -12.64 8.54 21.26
CA GLN C 26 -11.37 8.76 20.60
C GLN C 26 -11.10 10.24 20.48
N THR C 27 -9.87 10.63 20.77
CA THR C 27 -9.37 11.99 20.48
C THR C 27 -8.26 11.89 19.44
N VAL C 28 -8.50 12.48 18.27
CA VAL C 28 -7.53 12.47 17.18
C VAL C 28 -6.99 13.87 17.02
N LYS C 29 -5.69 14.00 17.21
CA LYS C 29 -5.02 15.31 17.04
C LYS C 29 -4.25 15.30 15.73
N VAL C 30 -4.44 16.35 14.96
CA VAL C 30 -3.69 16.54 13.72
C VAL C 30 -2.74 17.70 13.90
N LEU C 31 -1.44 17.41 13.90
CA LEU C 31 -0.41 18.40 14.09
C LEU C 31 0.20 18.69 12.73
N VAL C 32 0.26 19.95 12.40
CA VAL C 32 0.89 20.38 11.16
C VAL C 32 2.06 21.23 11.56
N ASN C 33 3.25 20.82 11.11
CA ASN C 33 4.50 21.44 11.55
C ASN C 33 4.55 21.71 13.07
N ASN C 34 4.23 20.65 13.81
CA ASN C 34 4.30 20.57 15.24
C ASN C 34 3.30 21.45 16.01
N GLU C 35 2.31 22.02 15.31
CA GLU C 35 1.21 22.75 15.96
C GLU C 35 -0.12 22.07 15.69
N THR C 36 -0.99 22.03 16.70
CA THR C 36 -2.29 21.42 16.51
C THR C 36 -3.12 22.22 15.54
N ALA C 37 -3.54 21.56 14.46
CA ALA C 37 -4.32 22.20 13.44
C ALA C 37 -5.78 21.76 13.52
N ALA C 38 -6.03 20.58 14.10
CA ALA C 38 -7.39 20.09 14.26
C ALA C 38 -7.41 19.02 15.31
N THR C 39 -8.54 18.92 16.01
CA THR C 39 -8.76 17.85 16.98
C THR C 39 -10.17 17.32 16.82
N PHE C 40 -10.27 16.02 16.51
CA PHE C 40 -11.57 15.39 16.29
C PHE C 40 -11.83 14.52 17.51
N THR C 41 -13.04 14.61 18.06
CA THR C 41 -13.38 13.79 19.22
C THR C 41 -14.71 13.13 18.95
N GLY C 42 -14.81 11.84 19.29
CA GLY C 42 -16.09 11.18 19.02
C GLY C 42 -16.05 9.73 19.43
N GLN C 43 -17.24 9.13 19.51
CA GLN C 43 -17.39 7.76 19.95
C GLN C 43 -18.39 7.08 19.04
N SER C 44 -17.97 5.95 18.48
CA SER C 44 -18.82 5.15 17.63
C SER C 44 -18.24 3.74 17.58
N THR C 45 -19.12 2.72 17.58
CA THR C 45 -18.69 1.37 17.20
C THR C 45 -19.21 1.02 15.78
N ASN C 46 -19.67 2.02 15.03
CA ASN C 46 -20.22 1.86 13.68
C ASN C 46 -19.55 2.77 12.62
N ASN C 47 -18.25 3.03 12.82
CA ASN C 47 -17.43 3.72 11.76
C ASN C 47 -17.93 5.11 11.48
N ALA C 48 -18.56 5.76 12.45
CA ALA C 48 -18.97 7.14 12.21
C ALA C 48 -17.76 8.02 11.91
N VAL C 49 -17.98 8.98 11.00
CA VAL C 49 -17.03 10.04 10.74
C VAL C 49 -17.01 11.02 11.93
N ILE C 50 -15.90 11.12 12.62
CA ILE C 50 -15.82 11.96 13.81
C ILE C 50 -15.15 13.28 13.46
N GLY C 51 -14.63 13.37 12.24
CA GLY C 51 -14.15 14.65 11.74
C GLY C 51 -13.69 14.52 10.31
N SER C 52 -13.86 15.57 9.54
CA SER C 52 -13.33 15.58 8.17
C SER C 52 -13.12 17.06 7.79
N GLN C 53 -11.87 17.41 7.44
CA GLN C 53 -11.52 18.81 7.23
C GLN C 53 -10.40 18.92 6.21
N VAL C 54 -10.29 20.10 5.61
CA VAL C 54 -9.21 20.44 4.70
C VAL C 54 -8.21 21.32 5.44
N LEU C 55 -6.95 20.91 5.44
CA LEU C 55 -5.85 21.61 6.09
C LEU C 55 -4.72 21.90 5.05
N ASN C 56 -3.73 22.69 5.48
CA ASN C 56 -2.66 23.09 4.57
C ASN C 56 -1.37 22.61 5.20
N SER C 57 -0.53 21.95 4.41
CA SER C 57 0.71 21.38 4.95
C SER C 57 1.75 22.41 5.40
N GLY C 58 1.54 23.65 5.01
CA GLY C 58 2.40 24.77 5.43
C GLY C 58 3.83 24.72 4.92
N GLY C 59 4.69 25.58 5.46
CA GLY C 59 6.04 25.64 4.91
C GLY C 59 6.84 24.35 5.10
N GLY C 60 6.66 23.70 6.25
CA GLY C 60 7.47 22.55 6.61
C GLY C 60 6.97 21.22 6.07
N GLY C 61 5.72 21.16 5.65
CA GLY C 61 5.15 19.91 5.08
C GLY C 61 4.92 18.74 6.03
N LYS C 62 5.12 18.96 7.32
CA LYS C 62 5.01 17.86 8.30
C LYS C 62 3.60 17.70 8.83
N VAL C 63 3.04 16.51 8.66
CA VAL C 63 1.75 16.17 9.24
C VAL C 63 1.88 14.97 10.15
N GLN C 64 1.41 15.12 11.37
CA GLN C 64 1.47 14.03 12.36
C GLN C 64 0.11 13.80 12.96
N ILE C 65 -0.26 12.53 13.10
CA ILE C 65 -1.54 12.15 13.72
C ILE C 65 -1.23 11.48 15.05
N GLN C 66 -1.91 11.90 16.11
CA GLN C 66 -1.81 11.28 17.41
C GLN C 66 -3.22 10.93 17.84
N VAL C 67 -3.35 9.79 18.46
CA VAL C 67 -4.66 9.35 18.92
C VAL C 67 -4.53 8.98 20.39
N SER C 68 -5.49 9.45 21.19
CA SER C 68 -5.51 9.09 22.60
C SER C 68 -6.94 8.83 23.05
N VAL C 69 -7.03 8.07 24.13
CA VAL C 69 -8.32 7.73 24.71
C VAL C 69 -8.16 8.10 26.19
N ASN C 70 -8.86 9.16 26.61
CA ASN C 70 -8.79 9.65 28.00
C ASN C 70 -7.35 9.76 28.46
N GLY C 71 -6.57 10.50 27.67
CA GLY C 71 -5.19 10.77 28.01
C GLY C 71 -4.16 9.69 27.75
N ARG C 72 -4.56 8.46 27.39
CA ARG C 72 -3.58 7.39 27.09
C ARG C 72 -3.36 7.31 25.57
N SER C 73 -2.11 7.39 25.15
CA SER C 73 -1.76 7.32 23.74
C SER C 73 -2.07 5.95 23.21
N SER C 74 -2.81 5.89 22.12
CA SER C 74 -3.03 4.61 21.45
C SER C 74 -1.80 4.19 20.63
N ASP C 75 -1.68 2.88 20.36
CA ASP C 75 -0.62 2.34 19.55
C ASP C 75 -1.03 2.56 18.11
N LEU C 76 -0.12 3.14 17.33
CA LEU C 76 -0.42 3.49 15.95
C LEU C 76 0.30 2.56 14.96
N VAL C 77 -0.37 2.39 13.80
CA VAL C 77 0.25 1.83 12.61
CA VAL C 77 0.27 1.83 12.58
C VAL C 77 -0.10 2.70 11.40
N SER C 78 0.79 2.82 10.44
CA SER C 78 0.52 3.71 9.34
C SER C 78 1.30 3.35 8.12
N ALA C 79 0.80 3.84 6.97
CA ALA C 79 1.56 3.76 5.71
C ALA C 79 1.03 4.81 4.79
N GLN C 80 1.76 5.05 3.71
CA GLN C 80 1.30 5.91 2.65
C GLN C 80 1.33 5.12 1.35
N VAL C 81 0.30 5.29 0.53
CA VAL C 81 0.28 4.70 -0.82
CA VAL C 81 0.28 4.69 -0.82
C VAL C 81 0.04 5.79 -1.88
N ILE C 82 0.57 5.57 -3.05
CA ILE C 82 0.41 6.48 -4.17
C ILE C 82 -0.12 5.68 -5.35
N LEU C 83 -1.23 6.13 -5.91
CA LEU C 83 -1.91 5.44 -6.99
C LEU C 83 -1.85 6.32 -8.25
N ALA C 84 -1.63 5.69 -9.39
CA ALA C 84 -1.50 6.37 -10.69
C ALA C 84 -0.39 7.41 -10.62
N ASN C 85 0.59 7.21 -9.75
CA ASN C 85 1.72 8.13 -9.57
C ASN C 85 1.27 9.54 -9.18
N GLU C 86 0.08 9.69 -8.63
CA GLU C 86 -0.47 10.99 -8.39
C GLU C 86 -1.34 11.15 -7.14
N LEU C 87 -2.20 10.17 -6.93
CA LEU C 87 -3.15 10.21 -5.81
C LEU C 87 -2.44 9.63 -4.56
N ASN C 88 -2.27 10.46 -3.53
CA ASN C 88 -1.57 10.10 -2.29
C ASN C 88 -2.59 9.87 -1.20
N VAL C 89 -2.51 8.72 -0.55
CA VAL C 89 -3.33 8.44 0.59
C VAL C 89 -2.47 7.93 1.72
N ALA C 90 -2.47 8.66 2.83
CA ALA C 90 -1.79 8.22 4.05
C ALA C 90 -2.82 7.68 5.02
N LEU C 91 -2.48 6.58 5.68
CA LEU C 91 -3.43 5.88 6.53
C LEU C 91 -2.89 5.66 7.93
N VAL C 92 -3.75 5.78 8.94
CA VAL C 92 -3.34 5.53 10.31
C VAL C 92 -4.42 4.66 10.94
N GLY C 93 -4.01 3.53 11.49
CA GLY C 93 -4.84 2.76 12.36
C GLY C 93 -4.37 2.97 13.77
N SER C 94 -5.26 2.73 14.72
CA SER C 94 -4.87 2.89 16.13
C SER C 94 -5.63 1.90 17.00
N GLU C 95 -4.92 1.48 18.04
CA GLU C 95 -5.38 0.41 18.96
C GLU C 95 -5.37 0.96 20.39
N ASP C 96 -6.53 1.00 21.00
CA ASP C 96 -6.69 1.57 22.34
C ASP C 96 -6.71 0.46 23.42
N SER C 97 -6.54 -0.79 23.01
CA SER C 97 -6.71 -1.97 23.94
C SER C 97 -5.89 -3.15 23.49
N THR C 98 -6.42 -4.36 23.62
CA THR C 98 -5.64 -5.59 23.48
C THR C 98 -6.08 -6.48 22.33
N ASP C 99 -7.18 -6.16 21.66
CA ASP C 99 -7.68 -7.04 20.60
C ASP C 99 -6.99 -6.83 19.27
N ASN C 100 -6.23 -5.73 19.15
CA ASN C 100 -5.42 -5.50 17.96
C ASN C 100 -6.16 -5.52 16.64
N ASP C 101 -7.37 -4.96 16.64
CA ASP C 101 -8.02 -4.68 15.36
C ASP C 101 -7.49 -3.39 14.69
N TYR C 102 -6.84 -2.50 15.46
CA TYR C 102 -6.28 -1.27 14.92
C TYR C 102 -7.29 -0.40 14.19
N ASN C 103 -8.59 -0.52 14.53
CA ASN C 103 -9.61 0.25 13.88
C ASN C 103 -10.30 1.27 14.82
N ASP C 104 -9.76 1.40 16.03
CA ASP C 104 -10.48 2.11 17.10
C ASP C 104 -10.66 3.57 16.70
N ALA C 105 -9.58 4.14 16.16
CA ALA C 105 -9.71 5.28 15.26
C ALA C 105 -8.90 5.01 14.00
N VAL C 106 -9.52 5.28 12.86
CA VAL C 106 -8.89 5.13 11.56
C VAL C 106 -8.85 6.52 10.93
N VAL C 107 -7.68 6.93 10.43
CA VAL C 107 -7.50 8.23 9.88
C VAL C 107 -6.98 8.12 8.45
N VAL C 108 -7.64 8.86 7.57
CA VAL C 108 -7.30 8.91 6.15
C VAL C 108 -6.90 10.33 5.79
N ILE C 109 -5.71 10.48 5.19
CA ILE C 109 -5.23 11.76 4.71
C ILE C 109 -5.03 11.63 3.20
N ASN C 110 -5.58 12.56 2.44
CA ASN C 110 -5.41 12.48 1.02
C ASN C 110 -5.06 13.81 0.35
N TRP C 111 -4.28 13.70 -0.72
CA TRP C 111 -3.88 14.86 -1.50
C TRP C 111 -3.42 14.38 -2.85
N PRO C 112 -3.37 15.26 -3.85
CA PRO C 112 -3.85 16.63 -3.84
C PRO C 112 -5.39 16.69 -3.92
N LEU C 113 -5.94 17.84 -3.55
CA LEU C 113 -7.35 18.12 -3.61
C LEU C 113 -7.66 18.93 -4.87
N GLY C 114 -8.94 19.22 -5.07
CA GLY C 114 -9.38 20.11 -6.10
C GLY C 114 -9.64 19.46 -7.44
N ALA D 1 -6.02 -3.40 -16.49
CA ALA D 1 -6.65 -4.32 -15.54
C ALA D 1 -7.98 -3.72 -15.04
N THR D 2 -8.91 -4.57 -14.65
CA THR D 2 -10.10 -4.11 -13.94
C THR D 2 -9.65 -3.44 -12.67
N GLN D 3 -10.33 -2.37 -12.29
CA GLN D 3 -10.04 -1.67 -11.05
C GLN D 3 -11.31 -1.45 -10.26
N GLY D 4 -11.19 -1.22 -8.97
CA GLY D 4 -12.36 -1.00 -8.11
C GLY D 4 -13.12 -2.21 -7.66
N VAL D 5 -12.51 -3.38 -7.82
CA VAL D 5 -13.16 -4.66 -7.42
C VAL D 5 -12.35 -5.27 -6.30
N PHE D 6 -13.02 -5.65 -5.22
CA PHE D 6 -12.34 -6.12 -4.03
C PHE D 6 -13.07 -7.32 -3.45
N THR D 7 -12.32 -8.33 -3.05
CA THR D 7 -12.85 -9.48 -2.31
C THR D 7 -12.67 -9.29 -0.80
N LEU D 8 -13.78 -9.20 -0.09
CA LEU D 8 -13.85 -9.11 1.35
C LEU D 8 -14.16 -10.47 1.93
N PRO D 9 -13.81 -10.69 3.23
CA PRO D 9 -14.34 -11.88 3.88
C PRO D 9 -15.85 -11.86 3.84
N ALA D 10 -16.45 -13.04 3.76
CA ALA D 10 -17.88 -13.16 3.72
C ALA D 10 -18.56 -12.59 4.99
N ASN D 11 -19.74 -12.02 4.80
CA ASN D 11 -20.66 -11.61 5.89
C ASN D 11 -19.98 -10.70 6.89
N THR D 12 -19.27 -9.70 6.37
CA THR D 12 -18.46 -8.81 7.16
C THR D 12 -18.95 -7.39 6.89
N ARG D 13 -19.19 -6.69 7.98
CA ARG D 13 -19.55 -5.25 7.90
C ARG D 13 -18.33 -4.48 7.42
N PHE D 14 -18.56 -3.49 6.58
CA PHE D 14 -17.49 -2.65 6.12
C PHE D 14 -18.02 -1.24 5.92
N GLY D 15 -17.11 -0.27 5.99
CA GLY D 15 -17.45 1.09 5.71
C GLY D 15 -17.10 1.50 4.29
N VAL D 16 -17.93 2.34 3.68
CA VAL D 16 -17.58 2.88 2.37
C VAL D 16 -17.88 4.41 2.41
N THR D 17 -16.89 5.20 2.04
CA THR D 17 -16.98 6.67 2.17
C THR D 17 -16.42 7.25 0.89
N ALA D 18 -17.04 8.30 0.37
CA ALA D 18 -16.54 8.93 -0.83
C ALA D 18 -16.35 10.45 -0.61
N PHE D 19 -15.25 10.97 -1.18
CA PHE D 19 -14.91 12.36 -1.19
C PHE D 19 -14.90 12.85 -2.65
N ALA D 20 -15.28 14.12 -2.86
CA ALA D 20 -15.30 14.69 -4.20
C ALA D 20 -14.33 15.85 -4.37
N ASN D 21 -13.69 15.91 -5.54
CA ASN D 21 -12.76 16.96 -5.90
C ASN D 21 -12.84 17.24 -7.38
N SER D 22 -13.95 17.83 -7.80
CA SER D 22 -14.18 18.02 -9.22
C SER D 22 -15.30 19.07 -9.37
N SER D 23 -15.29 19.80 -10.47
CA SER D 23 -16.40 20.75 -10.70
C SER D 23 -17.69 19.96 -11.06
N ALA D 24 -17.54 18.72 -11.50
CA ALA D 24 -18.64 17.92 -11.95
C ALA D 24 -19.24 17.09 -10.79
N THR D 25 -20.54 16.85 -10.87
CA THR D 25 -21.24 16.02 -9.90
C THR D 25 -20.82 14.58 -10.10
N GLN D 26 -20.43 13.94 -8.99
CA GLN D 26 -19.97 12.57 -9.00
C GLN D 26 -21.11 11.64 -8.55
N THR D 27 -21.25 10.51 -9.24
CA THR D 27 -22.14 9.44 -8.84
C THR D 27 -21.30 8.19 -8.57
N VAL D 28 -21.31 7.74 -7.33
CA VAL D 28 -20.53 6.58 -6.93
C VAL D 28 -21.54 5.44 -6.66
N LYS D 29 -21.45 4.35 -7.44
CA LYS D 29 -22.21 3.16 -7.20
C LYS D 29 -21.40 2.09 -6.47
N VAL D 30 -21.98 1.53 -5.44
CA VAL D 30 -21.38 0.46 -4.67
C VAL D 30 -22.22 -0.81 -4.95
N LEU D 31 -21.60 -1.80 -5.59
CA LEU D 31 -22.21 -3.07 -5.87
C LEU D 31 -21.69 -4.09 -4.91
N VAL D 32 -22.57 -4.77 -4.19
CA VAL D 32 -22.17 -5.88 -3.34
C VAL D 32 -22.76 -7.15 -3.95
N ASN D 33 -21.87 -8.10 -4.26
CA ASN D 33 -22.26 -9.31 -4.97
C ASN D 33 -23.19 -9.06 -6.15
N ASN D 34 -22.73 -8.12 -6.97
CA ASN D 34 -23.31 -7.77 -8.26
C ASN D 34 -24.67 -7.10 -8.19
N GLU D 35 -25.08 -6.65 -7.00
CA GLU D 35 -26.26 -5.83 -6.85
C GLU D 35 -25.92 -4.47 -6.25
N THR D 36 -26.61 -3.43 -6.70
CA THR D 36 -26.38 -2.09 -6.11
C THR D 36 -26.79 -2.07 -4.65
N ALA D 37 -25.85 -1.72 -3.76
CA ALA D 37 -26.11 -1.64 -2.31
C ALA D 37 -26.16 -0.20 -1.83
N ALA D 38 -25.52 0.72 -2.56
CA ALA D 38 -25.58 2.12 -2.23
C ALA D 38 -25.17 2.92 -3.41
N THR D 39 -25.68 4.13 -3.46
CA THR D 39 -25.29 5.10 -4.48
C THR D 39 -25.10 6.44 -3.79
N PHE D 40 -23.93 7.05 -3.97
CA PHE D 40 -23.68 8.37 -3.43
C PHE D 40 -23.63 9.36 -4.57
N THR D 41 -24.20 10.55 -4.38
CA THR D 41 -24.17 11.58 -5.39
C THR D 41 -23.85 12.88 -4.73
N GLY D 42 -22.90 13.63 -5.29
CA GLY D 42 -22.53 14.91 -4.69
C GLY D 42 -21.47 15.64 -5.50
N GLN D 43 -21.28 16.90 -5.14
CA GLN D 43 -20.31 17.77 -5.80
C GLN D 43 -19.49 18.52 -4.75
N SER D 44 -18.16 18.55 -4.93
CA SER D 44 -17.25 19.37 -4.15
C SER D 44 -15.94 19.50 -4.93
N THR D 45 -15.28 20.67 -4.78
CA THR D 45 -13.85 20.79 -5.13
C THR D 45 -12.98 20.89 -3.89
N ASN D 46 -13.55 20.59 -2.73
CA ASN D 46 -12.83 20.68 -1.46
C ASN D 46 -12.95 19.42 -0.62
N ASN D 47 -12.98 18.26 -1.28
CA ASN D 47 -12.86 16.97 -0.58
C ASN D 47 -14.03 16.67 0.36
N ALA D 48 -15.19 17.29 0.10
CA ALA D 48 -16.36 17.02 0.97
C ALA D 48 -16.75 15.56 0.87
N VAL D 49 -17.24 15.05 1.99
CA VAL D 49 -17.88 13.74 2.01
C VAL D 49 -19.20 13.75 1.25
N ILE D 50 -19.31 12.95 0.21
CA ILE D 50 -20.55 12.85 -0.52
C ILE D 50 -21.36 11.61 -0.17
N GLY D 51 -20.79 10.77 0.68
CA GLY D 51 -21.54 9.66 1.24
C GLY D 51 -20.67 8.89 2.17
N SER D 52 -21.27 8.29 3.19
CA SER D 52 -20.54 7.40 4.09
C SER D 52 -21.57 6.48 4.70
N GLN D 53 -21.38 5.17 4.54
CA GLN D 53 -22.38 4.19 4.97
C GLN D 53 -21.71 2.88 5.42
N VAL D 54 -22.41 2.12 6.26
CA VAL D 54 -21.96 0.76 6.65
C VAL D 54 -22.77 -0.22 5.84
N LEU D 55 -22.08 -1.15 5.18
CA LEU D 55 -22.68 -2.21 4.40
C LEU D 55 -22.19 -3.57 4.88
N ASN D 56 -22.73 -4.62 4.31
CA ASN D 56 -22.32 -6.00 4.66
C ASN D 56 -21.86 -6.74 3.39
N SER D 57 -20.68 -7.37 3.44
CA SER D 57 -20.11 -8.03 2.26
C SER D 57 -20.93 -9.25 1.77
N GLY D 58 -21.85 -9.74 2.62
CA GLY D 58 -22.77 -10.82 2.20
C GLY D 58 -22.09 -12.15 2.00
N GLY D 59 -22.82 -13.10 1.45
CA GLY D 59 -22.21 -14.41 1.26
C GLY D 59 -21.00 -14.46 0.33
N GLY D 60 -21.05 -13.68 -0.75
CA GLY D 60 -20.04 -13.75 -1.79
C GLY D 60 -18.82 -12.91 -1.58
N GLY D 61 -18.93 -11.90 -0.69
CA GLY D 61 -17.77 -11.07 -0.37
C GLY D 61 -17.32 -10.07 -1.44
N LYS D 62 -18.03 -9.99 -2.55
CA LYS D 62 -17.58 -9.15 -3.69
C LYS D 62 -18.10 -7.70 -3.63
N VAL D 63 -17.17 -6.76 -3.61
CA VAL D 63 -17.49 -5.34 -3.58
C VAL D 63 -16.89 -4.70 -4.82
N GLN D 64 -17.70 -3.95 -5.54
CA GLN D 64 -17.27 -3.23 -6.73
C GLN D 64 -17.71 -1.77 -6.64
N ILE D 65 -16.79 -0.86 -6.95
CA ILE D 65 -17.07 0.56 -6.99
C ILE D 65 -17.06 0.99 -8.46
N GLN D 66 -18.09 1.71 -8.86
CA GLN D 66 -18.17 2.36 -10.18
C GLN D 66 -18.46 3.82 -9.99
N VAL D 67 -17.80 4.66 -10.76
CA VAL D 67 -17.95 6.11 -10.64
C VAL D 67 -18.34 6.64 -12.01
N SER D 68 -19.34 7.51 -12.06
CA SER D 68 -19.75 8.15 -13.32
C SER D 68 -20.08 9.60 -13.10
N VAL D 69 -20.00 10.36 -14.16
CA VAL D 69 -20.31 11.78 -14.13
C VAL D 69 -21.33 12.00 -15.27
N ASN D 70 -22.59 12.30 -14.91
CA ASN D 70 -23.70 12.46 -15.88
C ASN D 70 -23.69 11.30 -16.88
N GLY D 71 -23.71 10.09 -16.35
CA GLY D 71 -23.78 8.89 -17.15
C GLY D 71 -22.51 8.35 -17.79
N ARG D 72 -21.40 9.12 -17.78
CA ARG D 72 -20.14 8.64 -18.37
C ARG D 72 -19.22 8.03 -17.30
N SER D 73 -18.78 6.82 -17.52
CA SER D 73 -17.91 6.15 -16.59
C SER D 73 -16.58 6.85 -16.45
N SER D 74 -16.16 7.10 -15.23
CA SER D 74 -14.81 7.58 -14.94
C SER D 74 -13.80 6.43 -14.95
N ASP D 75 -12.57 6.75 -15.32
CA ASP D 75 -11.52 5.75 -15.27
C ASP D 75 -11.06 5.60 -13.81
N LEU D 76 -10.80 4.38 -13.42
CA LEU D 76 -10.50 4.06 -12.03
C LEU D 76 -9.08 3.58 -11.82
N VAL D 77 -8.57 3.79 -10.61
CA VAL D 77 -7.38 3.14 -10.13
C VAL D 77 -7.64 2.70 -8.72
N SER D 78 -7.07 1.58 -8.32
CA SER D 78 -7.38 1.08 -6.98
C SER D 78 -6.30 0.20 -6.43
N ALA D 79 -6.33 0.00 -5.11
CA ALA D 79 -5.44 -0.94 -4.42
C ALA D 79 -6.02 -1.21 -3.07
N GLN D 80 -5.62 -2.33 -2.47
CA GLN D 80 -6.00 -2.60 -1.10
C GLN D 80 -4.73 -2.67 -0.26
N VAL D 81 -4.76 -2.08 0.92
N VAL D 81 -4.79 -2.09 0.93
CA VAL D 81 -3.65 -2.18 1.88
CA VAL D 81 -3.68 -2.07 1.91
C VAL D 81 -4.13 -2.79 3.19
C VAL D 81 -4.12 -2.76 3.19
N ILE D 82 -3.24 -3.55 3.83
CA ILE D 82 -3.50 -4.15 5.12
C ILE D 82 -2.37 -3.71 6.05
N LEU D 83 -2.79 -3.14 7.18
CA LEU D 83 -1.89 -2.71 8.23
CA LEU D 83 -1.91 -2.69 8.24
C LEU D 83 -2.10 -3.57 9.49
N ALA D 84 -1.00 -3.86 10.18
CA ALA D 84 -0.97 -4.68 11.43
C ALA D 84 -1.64 -6.02 11.14
N ASN D 85 -1.56 -6.48 9.88
CA ASN D 85 -2.14 -7.75 9.48
C ASN D 85 -3.61 -7.84 9.86
N GLU D 86 -4.30 -6.71 9.95
CA GLU D 86 -5.69 -6.75 10.40
C GLU D 86 -6.57 -5.62 9.87
N LEU D 87 -6.04 -4.42 9.82
CA LEU D 87 -6.78 -3.27 9.34
C LEU D 87 -6.73 -3.21 7.81
N ASN D 88 -7.89 -3.34 7.15
CA ASN D 88 -7.98 -3.37 5.67
C ASN D 88 -8.58 -2.08 5.16
N VAL D 89 -7.92 -1.45 4.21
CA VAL D 89 -8.40 -0.30 3.54
C VAL D 89 -8.26 -0.44 2.05
N ALA D 90 -9.39 -0.47 1.35
CA ALA D 90 -9.39 -0.51 -0.07
C ALA D 90 -9.67 0.88 -0.57
N LEU D 91 -8.93 1.27 -1.61
CA LEU D 91 -8.96 2.62 -2.08
C LEU D 91 -9.28 2.68 -3.58
N VAL D 92 -10.11 3.63 -3.97
CA VAL D 92 -10.39 3.89 -5.38
C VAL D 92 -10.20 5.35 -5.67
N GLY D 93 -9.39 5.65 -6.69
CA GLY D 93 -9.31 6.97 -7.24
C GLY D 93 -10.04 6.93 -8.57
N SER D 94 -10.56 8.06 -8.98
CA SER D 94 -11.26 8.13 -10.27
C SER D 94 -11.05 9.46 -10.98
N GLU D 95 -11.05 9.38 -12.30
CA GLU D 95 -10.70 10.45 -13.16
C GLU D 95 -11.83 10.66 -14.20
N ASP D 96 -12.41 11.83 -14.15
CA ASP D 96 -13.56 12.16 -14.98
C ASP D 96 -13.19 12.92 -16.20
N SER D 97 -11.90 13.17 -16.38
CA SER D 97 -11.44 14.10 -17.41
C SER D 97 -10.02 13.77 -17.81
N THR D 98 -9.23 14.82 -18.07
CA THR D 98 -7.94 14.64 -18.72
C THR D 98 -6.73 14.98 -17.88
N ASP D 99 -6.91 15.60 -16.73
CA ASP D 99 -5.75 16.05 -15.95
C ASP D 99 -5.11 14.93 -15.13
N ASN D 100 -5.81 13.81 -14.98
CA ASN D 100 -5.23 12.62 -14.29
C ASN D 100 -4.78 12.81 -12.87
N ASP D 101 -5.54 13.62 -12.12
CA ASP D 101 -5.27 13.70 -10.68
C ASP D 101 -5.92 12.52 -9.93
N TYR D 102 -6.85 11.85 -10.58
CA TYR D 102 -7.53 10.69 -10.03
C TYR D 102 -8.15 10.97 -8.68
N ASN D 103 -8.51 12.23 -8.40
CA ASN D 103 -9.11 12.55 -7.10
C ASN D 103 -10.55 13.02 -7.25
N ASP D 104 -11.12 12.91 -8.45
CA ASP D 104 -12.40 13.51 -8.72
C ASP D 104 -13.48 12.93 -7.81
N ALA D 105 -13.47 11.62 -7.69
CA ALA D 105 -14.07 10.96 -6.53
C ALA D 105 -13.02 10.03 -5.97
N VAL D 106 -12.86 10.10 -4.64
CA VAL D 106 -11.95 9.19 -3.89
C VAL D 106 -12.84 8.34 -2.99
N VAL D 107 -12.69 7.01 -3.07
CA VAL D 107 -13.54 6.10 -2.30
C VAL D 107 -12.69 5.29 -1.37
N VAL D 108 -13.12 5.19 -0.11
CA VAL D 108 -12.39 4.49 0.95
C VAL D 108 -13.30 3.42 1.50
N ILE D 109 -12.86 2.17 1.44
CA ILE D 109 -13.57 1.05 2.00
C ILE D 109 -12.73 0.56 3.16
N ASN D 110 -13.33 0.40 4.33
CA ASN D 110 -12.52 -0.09 5.46
C ASN D 110 -13.22 -1.19 6.26
N TRP D 111 -12.42 -2.14 6.73
CA TRP D 111 -12.92 -3.19 7.62
C TRP D 111 -11.77 -3.74 8.41
N PRO D 112 -12.02 -4.45 9.50
CA PRO D 112 -13.31 -4.63 10.12
C PRO D 112 -13.79 -3.38 10.82
N LEU D 113 -15.09 -3.37 11.15
CA LEU D 113 -15.67 -2.30 11.95
C LEU D 113 -15.82 -2.80 13.40
N GLY D 114 -16.29 -1.93 14.27
CA GLY D 114 -16.68 -2.28 15.61
C GLY D 114 -15.58 -2.31 16.63
C1 GAL E . 29.28 1.15 17.23
C2 GAL E . 29.66 1.50 15.80
C3 GAL E . 28.42 1.20 14.97
C4 GAL E . 28.01 -0.24 15.18
C5 GAL E . 27.88 -0.53 16.69
C6 GAL E . 27.45 -1.95 16.98
O1 GAL E . 30.25 1.54 18.16
O2 GAL E . 29.94 2.86 15.66
O3 GAL E . 28.74 1.39 13.60
O4 GAL E . 28.98 -1.02 14.56
O5 GAL E . 29.16 -0.25 17.26
O6 GAL E . 27.42 -2.07 18.40
C1 NAG E . 27.53 1.71 12.90
C2 NAG E . 27.93 2.51 11.67
C2 NAG E . 27.95 2.39 11.61
C3 NAG E . 26.73 2.76 10.75
C4 NAG E . 25.89 1.47 10.50
C5 NAG E . 25.60 0.70 11.80
C6 NAG E . 25.09 -0.73 11.51
C7 NAG E . 28.18 4.88 12.60
C7 NAG E . 30.16 3.38 11.86
C8 NAG E . 29.25 5.89 12.88
C8 NAG E . 30.87 4.63 12.20
N2 NAG E . 28.64 3.74 12.08
N2 NAG E . 28.82 3.51 11.92
O3 NAG E . 27.17 3.21 9.52
O4 NAG E . 24.68 1.88 9.89
O5 NAG E . 26.80 0.51 12.57
O6 NAG E . 25.08 -1.42 12.75
O7 NAG E . 27.02 5.19 12.87
O7 NAG E . 30.79 2.36 11.54
C1 GAL E . 27.12 4.62 9.29
C2 GAL E . 27.94 4.93 8.03
C3 GAL E . 27.72 6.36 7.48
C4 GAL E . 26.24 6.70 7.43
C5 GAL E . 25.71 6.45 8.84
C6 GAL E . 24.30 6.96 8.99
O2 GAL E . 29.29 4.51 8.16
O3 GAL E . 28.28 6.53 6.17
O4 GAL E . 25.54 5.94 6.44
O5 GAL E . 25.81 5.07 9.13
O6 GAL E . 23.90 6.87 10.35
C1 FUC E . 24.30 0.94 8.84
C2 FUC E . 22.90 1.34 8.42
C3 FUC E . 22.86 2.67 7.65
C4 FUC E . 23.83 2.59 6.46
C5 FUC E . 25.20 2.18 6.98
C6 FUC E . 26.32 2.27 5.95
O2 FUC E . 21.93 1.37 9.47
O3 FUC E . 21.56 2.94 7.21
O4 FUC E . 23.27 1.68 5.50
O5 FUC E . 25.18 0.93 7.71
C1 GLA F . -1.16 -20.18 -27.92
C2 GLA F . -0.95 -20.87 -26.58
C3 GLA F . -0.74 -19.88 -25.45
C4 GLA F . 0.28 -18.85 -25.81
C5 GLA F . -0.21 -18.16 -27.09
C6 GLA F . 0.76 -17.04 -27.44
O1 GLA F . -2.42 -19.54 -27.95
O2 GLA F . -2.06 -21.69 -26.19
O3 GLA F . -0.28 -20.69 -24.36
O4 GLA F . 1.58 -19.45 -26.04
O5 GLA F . -0.20 -19.17 -28.10
O6 GLA F . 0.46 -16.45 -28.75
C1 NAG F . -0.51 -20.01 -22.97
C2 NAG F . -0.41 -21.16 -22.01
C3 NAG F . -0.59 -20.53 -20.63
C4 NAG F . 0.34 -19.33 -20.43
C5 NAG F . 0.29 -18.36 -21.61
C6 NAG F . 1.34 -17.28 -21.49
C7 NAG F . -1.06 -23.39 -22.72
C8 NAG F . -2.09 -24.44 -22.94
N2 NAG F . -1.45 -22.17 -22.26
O3 NAG F . -0.28 -21.47 -19.64
O4 NAG F . 0.02 -18.71 -19.17
O5 NAG F . 0.56 -19.10 -22.80
O6 NAG F . 1.73 -16.76 -22.75
O7 NAG F . 0.12 -23.68 -22.93
C1 GAL F . -1.45 -22.01 -19.01
C2 GAL F . -0.98 -23.20 -18.16
C3 GAL F . -2.09 -23.78 -17.28
C4 GAL F . -2.75 -22.66 -16.47
C5 GAL F . -3.24 -21.61 -17.46
C6 GAL F . -4.00 -20.42 -16.86
O2 GAL F . -0.37 -24.20 -18.95
O3 GAL F . -1.49 -24.77 -16.46
O4 GAL F . -1.82 -22.07 -15.58
O5 GAL F . -2.12 -21.08 -18.19
O6 GAL F . -4.63 -19.82 -17.97
C1 FUC F . 1.18 -18.27 -18.43
C2 FUC F . 0.66 -17.30 -17.34
C3 FUC F . -0.16 -18.09 -16.30
C4 FUC F . 0.63 -19.25 -15.75
C5 FUC F . 1.15 -20.11 -16.90
C6 FUC F . 1.93 -21.37 -16.44
O2 FUC F . -0.10 -16.17 -17.78
O3 FUC F . -0.54 -17.15 -15.28
O4 FUC F . 1.72 -18.72 -14.97
O5 FUC F . 1.88 -19.31 -17.80
C1 GLA G . -10.17 -2.07 32.06
C2 GLA G . -11.33 -2.39 31.12
C3 GLA G . -11.03 -1.96 29.69
C4 GLA G . -10.62 -0.50 29.63
C5 GLA G . -9.48 -0.30 30.63
C6 GLA G . -9.01 1.15 30.65
O1 GLA G . -9.01 -2.84 31.70
O2 GLA G . -11.64 -3.79 31.14
O3 GLA G . -12.20 -2.19 28.92
O4 GLA G . -11.74 0.36 29.93
O5 GLA G . -9.88 -0.68 31.96
O6 GLA G . -7.68 1.12 31.19
C1 NAG G . -11.93 -2.39 27.53
C2 NAG G . -13.08 -3.10 26.85
C3 NAG G . -12.96 -3.29 25.36
C4 NAG G . -12.61 -1.94 24.73
C5 NAG G . -11.58 -1.14 25.52
C6 NAG G . -11.52 0.29 25.03
C7 NAG G . -14.27 -4.42 28.52
C8 NAG G . -14.47 -5.76 29.08
N2 NAG G . -13.33 -4.35 27.51
O3 NAG G . -14.20 -3.67 24.77
O4 NAG G . -12.04 -2.26 23.50
O5 NAG G . -11.94 -1.13 26.89
O6 NAG G . -10.65 0.96 25.90
O7 NAG G . -14.94 -3.49 29.03
C1 GAL G . -14.31 -5.08 24.57
C2 GAL G . -15.72 -5.39 24.08
C3 GAL G . -15.89 -6.89 23.91
C4 GAL G . -14.74 -7.46 23.09
C5 GAL G . -13.38 -6.99 23.62
C6 GAL G . -12.18 -7.58 22.86
O2 GAL G . -16.72 -4.89 24.93
O3 GAL G . -17.08 -7.01 23.20
O4 GAL G . -14.99 -6.94 21.83
O5 GAL G . -13.38 -5.56 23.61
O6 GAL G . -11.01 -7.55 23.64
C1 FUC G . -12.50 -1.34 22.50
C2 FUC G . -11.72 -1.62 21.21
C3 FUC G . -12.13 -2.96 20.64
C4 FUC G . -13.64 -2.94 20.36
C5 FUC G . -14.38 -2.54 21.67
C6 FUC G . -15.88 -2.48 21.42
O2 FUC G . -10.32 -1.62 21.45
O3 FUC G . -11.42 -3.09 19.44
O4 FUC G . -13.91 -1.96 19.30
O5 FUC G . -13.90 -1.28 22.17
C1 NAG H . -14.31 19.75 -17.95
C2 NAG H . -13.68 20.90 -17.20
C3 NAG H . -12.71 20.44 -16.11
C4 NAG H . -13.33 19.28 -15.31
C5 NAG H . -14.20 18.32 -16.15
C6 NAG H . -15.16 17.46 -15.36
C7 NAG H . -13.58 22.75 -18.72
C8 NAG H . -12.67 23.41 -19.70
N2 NAG H . -12.98 21.71 -18.14
O1 NAG H . -15.18 20.21 -18.98
O3 NAG H . -12.45 21.50 -15.20
O4 NAG H . -12.27 18.63 -14.61
O5 NAG H . -15.07 19.03 -17.02
O6 NAG H . -15.97 16.79 -16.30
O7 NAG H . -14.77 23.12 -18.50
C1 GAL H . -11.17 22.11 -15.36
C2 GAL H . -11.02 23.25 -14.37
C3 GAL H . -9.64 23.88 -14.51
C4 GAL H . -8.55 22.81 -14.47
C5 GAL H . -8.83 21.74 -15.51
C6 GAL H . -7.77 20.66 -15.47
O2 GAL H . -12.09 24.18 -14.57
O3 GAL H . -9.35 24.82 -13.48
O4 GAL H . -8.49 22.28 -13.17
O5 GAL H . -10.09 21.19 -15.24
O6 GAL H . -7.95 19.83 -16.58
C1 FUC H . -12.67 18.22 -13.28
C2 FUC H . -11.60 17.27 -12.72
C3 FUC H . -10.30 18.03 -12.46
C4 FUC H . -10.50 19.26 -11.56
C5 FUC H . -11.72 20.11 -12.11
C6 FUC H . -12.18 21.28 -11.26
O2 FUC H . -11.35 16.16 -13.62
O3 FUC H . -9.35 17.14 -11.84
O4 FUC H . -10.86 18.78 -10.26
O5 FUC H . -12.88 19.32 -12.34
CA CA I . 20.84 1.48 5.30
CA CA J . 19.69 2.18 8.77
CA CA K . -1.02 -14.85 -15.89
CA CA L . 1.39 -16.61 -13.67
CA CA M . -9.07 -2.32 19.41
CA CA N . -12.23 -1.63 17.52
C1 GAL O . -10.00 -2.13 31.93
C2 GAL O . -11.25 -2.35 31.11
C3 GAL O . -11.03 -1.92 29.66
C4 GAL O . -10.68 -0.44 29.60
C5 GAL O . -9.50 -0.22 30.57
C6 GAL O . -9.21 1.26 30.71
O1 GAL O . -10.31 -2.39 33.27
O2 GAL O . -11.63 -3.72 31.16
O3 GAL O . -12.19 -2.20 28.92
O4 GAL O . -11.79 0.43 29.85
O5 GAL O . -9.68 -0.78 31.88
O6 GAL O . -7.88 1.30 31.16
CA CA P . -9.45 14.86 -12.73
CA CA Q . -9.91 16.69 -9.40
#